data_5DGZ
#
_entry.id   5DGZ
#
_cell.length_a   98.396
_cell.length_b   98.396
_cell.length_c   80.181
_cell.angle_alpha   90.000
_cell.angle_beta   90.000
_cell.angle_gamma   120.000
#
_symmetry.space_group_name_H-M   'P 65'
#
loop_
_entity.id
_entity.type
_entity.pdbx_description
1 polymer 'Serine/threonine-protein kinase pim-1'
2 non-polymer (2S)-1-(1H-INDOL-3-YL)-3-{[5-(3-METHYL-1H-INDAZOL-5-YL)PYRIDIN-3-YL]OXY}PROPAN-2-AMINE
3 non-polymer 'PHOSPHATE ION'
4 water water
#
_entity_poly.entity_id   1
_entity_poly.type   'polypeptide(L)'
_entity_poly.pdbx_seq_one_letter_code
;MKEKEPLESQYQVGPLLGSGGFGSVYSGIRVSDNLPVAIKHVEKDRISDWGELPNGTRVPMEVVLLKKVSSGFSGVIRLL
DWFERPDSFVLILERPEPVQDLFDFITERGALQEELARSFFWQVLEAVRHCHNCGVLHRDIKDENILIDLNRGELKLIDF
GSGALLKDTVYTDFDGTRVYSPPEWIRYHRYHGRSAAVWSLGILLYDMVCGDIPFEHDEEIIRGQVFFRQRVSSECQHLI
RWCLALRPSDRPTFEEIQNHPWMQDVLLPQETAEIHLHSLSPGPSKKLAAALEHHHHHH
;
_entity_poly.pdbx_strand_id   A
#
loop_
_chem_comp.id
_chem_comp.type
_chem_comp.name
_chem_comp.formula
L20 non-polymer (2S)-1-(1H-INDOL-3-YL)-3-{[5-(3-METHYL-1H-INDAZOL-5-YL)PYRIDIN-3-YL]OXY}PROPAN-2-AMINE 'C24 H23 N5 O'
PO4 non-polymer 'PHOSPHATE ION' 'O4 P -3'
#
# COMPACT_ATOMS: atom_id res chain seq x y z
N PRO A 6 20.29 -6.28 -21.84
CA PRO A 6 21.40 -6.14 -20.90
C PRO A 6 21.02 -5.26 -19.70
N LEU A 7 20.61 -5.90 -18.61
CA LEU A 7 20.21 -5.18 -17.40
C LEU A 7 21.37 -5.04 -16.43
N GLU A 8 22.32 -5.98 -16.51
CA GLU A 8 23.45 -6.01 -15.60
C GLU A 8 24.37 -4.82 -15.83
N SER A 9 24.37 -4.31 -17.05
CA SER A 9 25.23 -3.18 -17.43
C SER A 9 24.46 -1.86 -17.45
N GLN A 10 23.13 -1.95 -17.39
CA GLN A 10 22.29 -0.77 -17.48
C GLN A 10 22.03 -0.16 -16.11
N TYR A 11 22.12 -0.98 -15.08
CA TYR A 11 21.94 -0.51 -13.70
C TYR A 11 23.10 -0.98 -12.83
N GLN A 12 23.61 -0.09 -11.98
CA GLN A 12 24.64 -0.47 -11.05
C GLN A 12 24.02 -0.96 -9.74
N VAL A 13 24.09 -2.26 -9.51
CA VAL A 13 23.45 -2.89 -8.37
C VAL A 13 24.12 -2.52 -7.05
N GLY A 14 23.31 -2.14 -6.06
CA GLY A 14 23.81 -1.81 -4.75
C GLY A 14 23.42 -2.85 -3.71
N PRO A 15 23.33 -2.44 -2.44
CA PRO A 15 23.05 -3.33 -1.32
C PRO A 15 21.63 -3.88 -1.33
N LEU A 16 21.47 -5.09 -0.80
CA LEU A 16 20.15 -5.69 -0.63
C LEU A 16 19.36 -4.91 0.42
N LEU A 17 18.18 -4.42 0.04
CA LEU A 17 17.35 -3.64 0.95
C LEU A 17 16.44 -4.54 1.79
N GLY A 18 15.96 -5.61 1.18
CA GLY A 18 15.09 -6.55 1.87
C GLY A 18 14.73 -7.74 1.02
N SER A 19 14.30 -8.82 1.66
CA SER A 19 13.84 -10.00 0.94
C SER A 19 12.78 -10.73 1.76
N GLY A 20 11.93 -11.48 1.07
CA GLY A 20 10.86 -12.22 1.71
C GLY A 20 9.98 -12.91 0.69
N GLY A 21 8.70 -13.05 1.02
CA GLY A 21 7.74 -13.67 0.10
C GLY A 21 7.59 -12.93 -1.21
N PHE A 22 7.91 -11.63 -1.18
CA PHE A 22 7.85 -10.79 -2.37
C PHE A 22 9.05 -11.04 -3.30
N GLY A 23 10.11 -11.62 -2.75
CA GLY A 23 11.32 -11.85 -3.52
C GLY A 23 12.51 -11.15 -2.90
N SER A 24 13.35 -10.54 -3.73
CA SER A 24 14.53 -9.83 -3.24
C SER A 24 14.64 -8.44 -3.88
N VAL A 25 14.79 -7.42 -3.04
CA VAL A 25 14.84 -6.04 -3.51
C VAL A 25 16.18 -5.40 -3.20
N TYR A 26 16.90 -5.01 -4.25
CA TYR A 26 18.20 -4.38 -4.11
C TYR A 26 18.13 -2.89 -4.35
N SER A 27 19.00 -2.14 -3.69
CA SER A 27 19.18 -0.73 -4.01
C SER A 27 19.92 -0.66 -5.33
N GLY A 28 19.60 0.33 -6.15
CA GLY A 28 20.20 0.41 -7.46
C GLY A 28 20.40 1.83 -7.96
N ILE A 29 21.17 1.94 -9.03
CA ILE A 29 21.45 3.22 -9.68
C ILE A 29 21.39 3.03 -11.19
N ARG A 30 20.54 3.81 -11.85
CA ARG A 30 20.50 3.78 -13.31
C ARG A 30 21.73 4.46 -13.87
N VAL A 31 22.61 3.68 -14.49
CA VAL A 31 23.88 4.18 -15.00
C VAL A 31 23.70 5.37 -15.94
N SER A 32 22.59 5.37 -16.67
CA SER A 32 22.28 6.40 -17.65
C SER A 32 22.30 7.81 -17.06
N ASP A 33 21.66 7.99 -15.90
CA ASP A 33 21.55 9.32 -15.31
C ASP A 33 21.65 9.31 -13.78
N ASN A 34 22.21 8.24 -13.24
CA ASN A 34 22.39 8.08 -11.79
C ASN A 34 21.08 8.15 -11.00
N LEU A 35 19.97 7.86 -11.66
CA LEU A 35 18.67 7.84 -11.01
C LEU A 35 18.58 6.72 -9.99
N PRO A 36 18.21 7.05 -8.75
CA PRO A 36 18.01 6.03 -7.71
C PRO A 36 16.86 5.10 -8.07
N VAL A 37 17.13 3.80 -8.12
CA VAL A 37 16.10 2.83 -8.45
C VAL A 37 16.08 1.68 -7.44
N ALA A 38 15.05 0.86 -7.53
CA ALA A 38 14.97 -0.36 -6.75
C ALA A 38 14.89 -1.54 -7.71
N ILE A 39 15.70 -2.56 -7.46
CA ILE A 39 15.76 -3.72 -8.33
C ILE A 39 15.14 -4.93 -7.63
N LYS A 40 14.01 -5.39 -8.16
CA LYS A 40 13.25 -6.46 -7.52
C LYS A 40 13.35 -7.76 -8.31
N HIS A 41 13.84 -8.81 -7.64
CA HIS A 41 13.94 -10.13 -8.26
C HIS A 41 12.85 -11.04 -7.72
N VAL A 42 12.14 -11.71 -8.62
CA VAL A 42 11.11 -12.65 -8.22
C VAL A 42 11.23 -13.95 -9.03
N GLU A 43 11.40 -15.06 -8.34
CA GLU A 43 11.52 -16.36 -8.99
C GLU A 43 10.21 -16.79 -9.63
N LYS A 44 10.29 -17.35 -10.82
CA LYS A 44 9.10 -17.77 -11.57
C LYS A 44 8.28 -18.82 -10.83
N ASP A 45 8.95 -19.65 -10.04
CA ASP A 45 8.29 -20.71 -9.30
C ASP A 45 7.45 -20.15 -8.16
N ARG A 46 7.85 -18.98 -7.66
CA ARG A 46 7.20 -18.37 -6.52
C ARG A 46 6.03 -17.48 -6.96
N ILE A 47 5.88 -17.32 -8.27
CA ILE A 47 4.83 -16.47 -8.82
C ILE A 47 3.47 -17.17 -8.78
N SER A 48 2.51 -16.55 -8.08
CA SER A 48 1.18 -17.12 -7.94
C SER A 48 0.25 -16.67 -9.07
N ASP A 49 0.03 -15.36 -9.18
CA ASP A 49 -0.82 -14.80 -10.22
C ASP A 49 -0.04 -14.36 -11.45
N TRP A 50 -0.38 -14.93 -12.60
CA TRP A 50 0.24 -14.55 -13.86
C TRP A 50 -0.68 -13.64 -14.67
N GLY A 51 -0.08 -12.68 -15.38
CA GLY A 51 -0.85 -11.73 -16.16
C GLY A 51 -0.46 -11.70 -17.62
N GLU A 52 -1.21 -10.93 -18.41
CA GLU A 52 -0.97 -10.82 -19.84
C GLU A 52 -0.77 -9.36 -20.26
N LEU A 53 0.37 -9.09 -20.90
CA LEU A 53 0.61 -7.77 -21.48
C LEU A 53 -0.34 -7.54 -22.65
N PRO A 54 -0.62 -6.27 -22.99
CA PRO A 54 -1.48 -5.94 -24.13
C PRO A 54 -1.02 -6.61 -25.42
N ASN A 55 0.29 -6.77 -25.59
CA ASN A 55 0.84 -7.45 -26.75
C ASN A 55 0.82 -8.96 -26.59
N GLY A 56 0.19 -9.44 -25.52
CA GLY A 56 0.08 -10.87 -25.27
C GLY A 56 1.37 -11.50 -24.86
N THR A 57 1.73 -11.36 -23.58
CA THR A 57 2.95 -11.96 -23.04
C THR A 57 2.75 -12.37 -21.59
N ARG A 58 3.08 -13.63 -21.29
CA ARG A 58 2.98 -14.15 -19.94
C ARG A 58 3.97 -13.41 -19.03
N VAL A 59 3.49 -12.95 -17.87
CA VAL A 59 4.25 -12.04 -17.04
C VAL A 59 3.63 -11.96 -15.64
N PRO A 60 4.44 -11.62 -14.61
CA PRO A 60 3.92 -11.43 -13.26
C PRO A 60 2.78 -10.40 -13.20
N MET A 61 1.77 -10.68 -12.40
CA MET A 61 0.61 -9.80 -12.31
C MET A 61 0.99 -8.38 -11.91
N GLU A 62 2.00 -8.25 -11.06
CA GLU A 62 2.44 -6.93 -10.59
C GLU A 62 2.88 -6.06 -11.76
N VAL A 63 3.53 -6.67 -12.75
CA VAL A 63 3.94 -5.97 -13.96
C VAL A 63 2.73 -5.41 -14.69
N VAL A 64 1.70 -6.24 -14.83
CA VAL A 64 0.46 -5.83 -15.46
C VAL A 64 -0.20 -4.67 -14.70
N LEU A 65 -0.26 -4.82 -13.37
CA LEU A 65 -0.90 -3.83 -12.52
C LEU A 65 -0.13 -2.51 -12.50
N LEU A 66 1.19 -2.60 -12.36
CA LEU A 66 2.03 -1.41 -12.31
C LEU A 66 1.96 -0.63 -13.61
N LYS A 67 1.84 -1.35 -14.73
CA LYS A 67 1.72 -0.72 -16.05
C LYS A 67 0.44 0.12 -16.14
N LYS A 68 -0.63 -0.38 -15.54
CA LYS A 68 -1.93 0.28 -15.60
C LYS A 68 -1.97 1.53 -14.72
N VAL A 69 -1.14 1.56 -13.68
CA VAL A 69 -1.16 2.67 -12.74
C VAL A 69 -0.02 3.66 -12.94
N SER A 70 1.00 3.26 -13.68
CA SER A 70 2.19 4.07 -13.74
C SER A 70 2.13 5.20 -14.75
N SER A 71 1.83 6.38 -14.24
CA SER A 71 1.75 7.58 -15.05
C SER A 71 2.32 8.76 -14.27
N GLY A 72 1.74 9.93 -14.45
CA GLY A 72 2.25 11.12 -13.80
C GLY A 72 2.08 11.11 -12.29
N PHE A 73 1.02 10.44 -11.83
CA PHE A 73 0.68 10.43 -10.41
C PHE A 73 1.78 9.78 -9.56
N SER A 74 2.13 10.46 -8.47
CA SER A 74 3.28 10.06 -7.67
C SER A 74 2.89 9.39 -6.36
N GLY A 75 1.62 9.04 -6.21
CA GLY A 75 1.16 8.35 -5.02
C GLY A 75 1.36 6.86 -5.15
N VAL A 76 1.72 6.43 -6.34
CA VAL A 76 2.05 5.05 -6.60
C VAL A 76 3.45 4.96 -7.12
N ILE A 77 4.18 3.98 -6.66
CA ILE A 77 5.53 3.77 -7.11
C ILE A 77 5.59 3.41 -8.58
N ARG A 78 6.57 3.92 -9.30
CA ARG A 78 6.59 3.76 -10.73
C ARG A 78 7.45 2.62 -11.24
N LEU A 79 6.89 1.82 -12.13
CA LEU A 79 7.65 0.76 -12.77
C LEU A 79 8.40 1.35 -13.98
N LEU A 80 9.72 1.43 -13.87
CA LEU A 80 10.52 2.06 -14.90
C LEU A 80 10.85 1.11 -16.03
N ASP A 81 11.14 -0.14 -15.68
CA ASP A 81 11.45 -1.16 -16.67
C ASP A 81 11.29 -2.55 -16.07
N TRP A 82 11.35 -3.58 -16.91
CA TRP A 82 11.33 -4.94 -16.43
C TRP A 82 12.01 -5.89 -17.41
N PHE A 83 12.64 -6.94 -16.88
CA PHE A 83 13.35 -7.92 -17.70
C PHE A 83 12.89 -9.33 -17.34
N GLU A 84 13.04 -10.26 -18.28
CA GLU A 84 12.78 -11.66 -18.00
C GLU A 84 14.06 -12.48 -18.06
N ARG A 85 14.32 -13.23 -16.99
CA ARG A 85 15.46 -14.13 -16.92
C ARG A 85 14.94 -15.56 -17.06
N PRO A 86 15.85 -16.54 -17.27
CA PRO A 86 15.40 -17.94 -17.37
C PRO A 86 14.53 -18.42 -16.21
N ASP A 87 14.87 -18.06 -14.98
CA ASP A 87 14.12 -18.54 -13.82
C ASP A 87 13.57 -17.44 -12.94
N SER A 88 13.55 -16.21 -13.46
CA SER A 88 13.06 -15.08 -12.67
C SER A 88 12.67 -13.89 -13.54
N PHE A 89 11.93 -12.97 -12.93
CA PHE A 89 11.68 -11.65 -13.51
C PHE A 89 12.39 -10.60 -12.69
N VAL A 90 12.83 -9.53 -13.35
CA VAL A 90 13.48 -8.42 -12.67
C VAL A 90 12.73 -7.12 -12.92
N LEU A 91 12.27 -6.49 -11.84
CA LEU A 91 11.55 -5.21 -11.96
C LEU A 91 12.44 -4.06 -11.54
N ILE A 92 12.45 -3.00 -12.35
CA ILE A 92 13.14 -1.78 -12.00
C ILE A 92 12.12 -0.74 -11.58
N LEU A 93 12.26 -0.24 -10.38
CA LEU A 93 11.31 0.68 -9.82
C LEU A 93 11.96 1.94 -9.33
N GLU A 94 11.12 2.96 -9.22
CA GLU A 94 11.41 4.21 -8.57
C GLU A 94 11.94 3.96 -7.20
N ARG A 95 12.88 4.75 -6.76
CA ARG A 95 13.31 4.72 -5.39
C ARG A 95 13.47 6.10 -4.84
N PRO A 96 12.62 6.51 -3.91
CA PRO A 96 12.91 7.80 -3.25
C PRO A 96 14.11 7.78 -2.32
N GLU A 97 14.69 8.94 -2.07
CA GLU A 97 15.89 9.10 -1.28
C GLU A 97 16.06 10.54 -0.80
N PRO A 98 16.06 10.75 0.50
CA PRO A 98 15.91 9.62 1.43
C PRO A 98 14.50 9.05 1.57
N VAL A 99 14.39 7.85 2.12
CA VAL A 99 13.11 7.20 2.27
C VAL A 99 12.96 6.40 3.54
N GLN A 100 11.74 6.17 3.98
CA GLN A 100 11.48 5.30 5.09
C GLN A 100 10.07 4.84 4.93
N ASP A 101 9.78 3.60 5.24
CA ASP A 101 8.40 3.16 5.10
C ASP A 101 7.60 3.55 6.32
N LEU A 102 6.28 3.46 6.21
CA LEU A 102 5.39 3.91 7.27
C LEU A 102 5.55 3.07 8.54
N PHE A 103 5.88 1.79 8.36
CA PHE A 103 6.05 0.92 9.52
C PHE A 103 7.21 1.37 10.40
N ASP A 104 8.35 1.65 9.79
CA ASP A 104 9.52 2.10 10.53
C ASP A 104 9.30 3.49 11.11
N PHE A 105 8.59 4.33 10.37
CA PHE A 105 8.30 5.69 10.80
C PHE A 105 7.47 5.67 12.08
N ILE A 106 6.41 4.87 12.07
CA ILE A 106 5.53 4.76 13.22
C ILE A 106 6.24 4.11 14.41
N THR A 107 6.98 3.04 14.13
CA THR A 107 7.78 2.37 15.16
C THR A 107 8.72 3.34 15.85
N GLU A 108 9.40 4.16 15.05
CA GLU A 108 10.38 5.12 15.55
C GLU A 108 9.72 6.28 16.32
N ARG A 109 8.58 6.74 15.84
CA ARG A 109 7.95 7.94 16.38
C ARG A 109 6.80 7.62 17.34
N GLY A 110 6.34 6.37 17.34
CA GLY A 110 5.19 5.99 18.14
C GLY A 110 3.91 6.41 17.42
N ALA A 111 2.84 6.61 18.17
CA ALA A 111 1.59 7.08 17.60
C ALA A 111 1.79 8.45 16.95
N LEU A 112 1.12 8.67 15.82
CA LEU A 112 1.27 9.92 15.08
C LEU A 112 0.26 10.96 15.55
N GLN A 113 0.67 12.23 15.48
CA GLN A 113 -0.27 13.33 15.70
C GLN A 113 -1.33 13.30 14.61
N GLU A 114 -2.57 13.64 14.97
CA GLU A 114 -3.69 13.50 14.06
C GLU A 114 -3.53 14.38 12.82
N GLU A 115 -2.85 15.52 12.95
CA GLU A 115 -2.59 16.37 11.80
C GLU A 115 -1.70 15.67 10.79
N LEU A 116 -0.72 14.93 11.31
CA LEU A 116 0.20 14.17 10.47
C LEU A 116 -0.50 12.94 9.90
N ALA A 117 -1.25 12.25 10.74
CA ALA A 117 -2.01 11.08 10.31
C ALA A 117 -3.04 11.44 9.25
N ARG A 118 -3.63 12.63 9.38
CA ARG A 118 -4.61 13.11 8.41
C ARG A 118 -3.98 13.29 7.03
N SER A 119 -2.80 13.89 7.01
CA SER A 119 -2.06 14.09 5.76
C SER A 119 -1.72 12.76 5.11
N PHE A 120 -1.07 11.89 5.88
CA PHE A 120 -0.67 10.57 5.40
C PHE A 120 -1.86 9.76 4.88
N PHE A 121 -2.93 9.71 5.67
CA PHE A 121 -4.10 8.90 5.33
C PHE A 121 -4.78 9.42 4.06
N TRP A 122 -4.87 10.75 3.95
CA TRP A 122 -5.41 11.39 2.76
C TRP A 122 -4.63 10.98 1.51
N GLN A 123 -3.31 11.04 1.61
CA GLN A 123 -2.45 10.69 0.48
C GLN A 123 -2.63 9.22 0.08
N VAL A 124 -2.75 8.34 1.06
CA VAL A 124 -3.00 6.92 0.78
C VAL A 124 -4.32 6.75 0.04
N LEU A 125 -5.36 7.38 0.58
CA LEU A 125 -6.68 7.37 -0.05
C LEU A 125 -6.63 7.81 -1.52
N GLU A 126 -5.90 8.89 -1.79
CA GLU A 126 -5.73 9.38 -3.15
C GLU A 126 -5.02 8.36 -4.03
N ALA A 127 -4.04 7.67 -3.46
CA ALA A 127 -3.28 6.65 -4.18
C ALA A 127 -4.14 5.43 -4.49
N VAL A 128 -4.89 4.98 -3.49
CA VAL A 128 -5.81 3.86 -3.66
C VAL A 128 -6.92 4.23 -4.64
N ARG A 129 -7.36 5.48 -4.57
CA ARG A 129 -8.39 5.97 -5.48
C ARG A 129 -7.90 5.98 -6.92
N HIS A 130 -6.61 6.30 -7.09
CA HIS A 130 -5.99 6.32 -8.41
C HIS A 130 -5.87 4.90 -8.98
N CYS A 131 -5.50 3.95 -8.12
CA CYS A 131 -5.37 2.56 -8.53
C CYS A 131 -6.68 1.98 -9.02
N HIS A 132 -7.75 2.24 -8.27
CA HIS A 132 -9.07 1.72 -8.62
C HIS A 132 -9.57 2.34 -9.92
N ASN A 133 -9.22 3.61 -10.14
CA ASN A 133 -9.53 4.28 -11.39
C ASN A 133 -8.85 3.62 -12.58
N CYS A 134 -7.69 3.02 -12.33
CA CYS A 134 -6.93 2.35 -13.36
C CYS A 134 -7.30 0.87 -13.45
N GLY A 135 -8.31 0.48 -12.68
CA GLY A 135 -8.77 -0.91 -12.67
C GLY A 135 -7.88 -1.82 -11.86
N VAL A 136 -7.20 -1.26 -10.86
CA VAL A 136 -6.25 -2.04 -10.08
C VAL A 136 -6.60 -2.06 -8.59
N LEU A 137 -6.59 -3.27 -8.01
CA LEU A 137 -6.81 -3.45 -6.58
C LEU A 137 -5.50 -3.90 -5.92
N HIS A 138 -5.10 -3.23 -4.85
CA HIS A 138 -3.81 -3.52 -4.22
C HIS A 138 -3.84 -4.77 -3.33
N ARG A 139 -4.88 -4.87 -2.51
CA ARG A 139 -5.17 -6.06 -1.68
C ARG A 139 -4.18 -6.32 -0.54
N ASP A 140 -3.28 -5.38 -0.28
CA ASP A 140 -2.39 -5.51 0.88
C ASP A 140 -1.95 -4.14 1.37
N ILE A 141 -2.90 -3.22 1.51
CA ILE A 141 -2.62 -1.90 2.05
C ILE A 141 -2.24 -1.98 3.52
N LYS A 142 -1.03 -1.54 3.83
CA LYS A 142 -0.53 -1.50 5.21
C LYS A 142 0.70 -0.61 5.27
N ASP A 143 1.10 -0.21 6.48
CA ASP A 143 2.23 0.69 6.67
C ASP A 143 3.49 0.21 5.96
N GLU A 144 3.72 -1.09 6.00
CA GLU A 144 4.91 -1.71 5.43
C GLU A 144 4.96 -1.56 3.91
N ASN A 145 3.81 -1.32 3.29
CA ASN A 145 3.73 -1.13 1.85
C ASN A 145 3.50 0.31 1.46
N ILE A 146 3.99 1.22 2.29
CA ILE A 146 3.87 2.65 2.04
C ILE A 146 5.21 3.32 2.30
N LEU A 147 5.79 3.90 1.24
CA LEU A 147 7.07 4.59 1.37
C LEU A 147 6.84 6.07 1.60
N ILE A 148 7.68 6.67 2.43
CA ILE A 148 7.59 8.11 2.66
C ILE A 148 8.75 8.85 2.00
N ASP A 149 8.44 9.67 1.02
CA ASP A 149 9.40 10.61 0.46
C ASP A 149 9.62 11.68 1.52
N LEU A 150 10.68 11.50 2.31
CA LEU A 150 10.92 12.34 3.48
C LEU A 150 11.12 13.82 3.13
N ASN A 151 11.79 14.08 2.01
CA ASN A 151 12.05 15.46 1.60
C ASN A 151 10.81 16.17 1.09
N ARG A 152 9.95 15.45 0.38
CA ARG A 152 8.77 16.05 -0.23
C ARG A 152 7.51 15.83 0.61
N GLY A 153 7.57 14.90 1.55
CA GLY A 153 6.43 14.59 2.39
C GLY A 153 5.36 13.80 1.66
N GLU A 154 5.74 13.18 0.55
CA GLU A 154 4.81 12.42 -0.27
C GLU A 154 4.88 10.92 0.02
N LEU A 155 3.71 10.29 0.08
CA LEU A 155 3.62 8.85 0.32
C LEU A 155 3.42 8.09 -0.99
N LYS A 156 3.92 6.87 -1.05
CA LYS A 156 3.84 6.05 -2.26
C LYS A 156 3.49 4.60 -1.95
N LEU A 157 2.51 4.06 -2.67
CA LEU A 157 2.13 2.66 -2.57
C LEU A 157 3.17 1.77 -3.22
N ILE A 158 3.57 0.70 -2.54
CA ILE A 158 4.47 -0.27 -3.14
C ILE A 158 3.94 -1.69 -3.00
N ASP A 159 4.59 -2.62 -3.71
CA ASP A 159 4.27 -4.05 -3.69
C ASP A 159 2.85 -4.36 -4.17
N PHE A 160 2.72 -4.56 -5.47
CA PHE A 160 1.44 -4.95 -6.05
C PHE A 160 1.44 -6.44 -6.38
N GLY A 161 2.31 -7.19 -5.70
CA GLY A 161 2.45 -8.61 -5.94
C GLY A 161 1.30 -9.44 -5.41
N SER A 162 0.48 -8.84 -4.54
CA SER A 162 -0.70 -9.51 -4.01
C SER A 162 -1.96 -8.97 -4.65
N GLY A 163 -1.79 -8.01 -5.56
CA GLY A 163 -2.90 -7.32 -6.17
C GLY A 163 -3.66 -8.10 -7.21
N ALA A 164 -4.65 -7.46 -7.80
CA ALA A 164 -5.48 -8.10 -8.84
C ALA A 164 -6.14 -7.05 -9.71
N LEU A 165 -6.66 -7.48 -10.85
CA LEU A 165 -7.51 -6.63 -11.67
C LEU A 165 -8.77 -6.32 -10.86
N LEU A 166 -9.21 -5.06 -10.90
CA LEU A 166 -10.41 -4.67 -10.18
C LEU A 166 -11.65 -5.24 -10.87
N LYS A 167 -12.56 -5.79 -10.08
CA LYS A 167 -13.82 -6.32 -10.60
C LYS A 167 -14.93 -6.09 -9.58
N ASP A 168 -16.17 -6.33 -10.00
CA ASP A 168 -17.33 -6.07 -9.14
C ASP A 168 -17.89 -7.33 -8.53
N THR A 169 -17.36 -8.48 -8.95
CA THR A 169 -17.77 -9.77 -8.39
C THR A 169 -16.85 -10.18 -7.24
N VAL A 170 -17.16 -11.30 -6.59
CA VAL A 170 -16.42 -11.74 -5.41
C VAL A 170 -15.00 -12.21 -5.67
N TYR A 171 -14.11 -11.91 -4.73
CA TYR A 171 -12.79 -12.50 -4.72
C TYR A 171 -12.77 -13.67 -3.74
N THR A 172 -12.22 -14.79 -4.16
CA THR A 172 -12.17 -15.98 -3.30
C THR A 172 -10.73 -16.34 -2.94
N ASP A 173 -9.79 -15.46 -3.28
CA ASP A 173 -8.39 -15.66 -2.93
C ASP A 173 -7.84 -14.41 -2.28
N PHE A 174 -6.97 -14.60 -1.29
CA PHE A 174 -6.36 -13.50 -0.56
C PHE A 174 -4.95 -13.88 -0.12
N ASP A 175 -3.99 -13.03 -0.43
CA ASP A 175 -2.60 -13.31 -0.07
C ASP A 175 -1.96 -12.13 0.64
N GLY A 176 -2.79 -11.26 1.17
CA GLY A 176 -2.30 -10.15 1.97
C GLY A 176 -2.10 -10.59 3.40
N THR A 177 -1.88 -9.63 4.29
CA THR A 177 -1.62 -9.96 5.69
C THR A 177 -2.93 -10.30 6.41
N ARG A 178 -2.87 -11.34 7.24
CA ARG A 178 -4.04 -11.85 7.96
C ARG A 178 -4.75 -10.78 8.79
N VAL A 179 -4.00 -10.11 9.66
CA VAL A 179 -4.56 -9.14 10.59
C VAL A 179 -5.10 -7.88 9.91
N TYR A 180 -4.84 -7.75 8.61
CA TYR A 180 -5.38 -6.64 7.83
C TYR A 180 -6.58 -7.08 6.99
N SER A 181 -6.93 -8.36 7.10
CA SER A 181 -8.03 -8.92 6.33
C SER A 181 -9.37 -8.73 7.03
N PRO A 182 -10.43 -8.49 6.24
CA PRO A 182 -11.77 -8.22 6.78
C PRO A 182 -12.43 -9.48 7.33
N PRO A 183 -13.44 -9.31 8.20
CA PRO A 183 -14.12 -10.45 8.82
C PRO A 183 -14.83 -11.37 7.81
N GLU A 184 -15.26 -10.83 6.67
CA GLU A 184 -15.95 -11.64 5.68
C GLU A 184 -14.98 -12.61 5.00
N TRP A 185 -13.70 -12.25 4.96
CA TRP A 185 -12.69 -13.17 4.48
C TRP A 185 -12.45 -14.27 5.50
N ILE A 186 -12.34 -13.86 6.76
CA ILE A 186 -12.12 -14.79 7.86
C ILE A 186 -13.26 -15.80 7.97
N ARG A 187 -14.49 -15.32 7.83
CA ARG A 187 -15.67 -16.15 8.04
C ARG A 187 -16.08 -16.96 6.80
N TYR A 188 -15.97 -16.36 5.62
CA TYR A 188 -16.54 -16.96 4.42
C TYR A 188 -15.53 -17.21 3.30
N HIS A 189 -14.30 -16.77 3.49
CA HIS A 189 -13.26 -16.87 2.47
C HIS A 189 -13.67 -16.18 1.18
N ARG A 190 -14.40 -15.08 1.30
CA ARG A 190 -14.79 -14.26 0.16
C ARG A 190 -15.00 -12.81 0.56
N TYR A 191 -14.77 -11.89 -0.38
CA TYR A 191 -14.88 -10.46 -0.13
C TYR A 191 -15.05 -9.71 -1.44
N HIS A 192 -15.38 -8.43 -1.34
CA HIS A 192 -15.43 -7.57 -2.51
C HIS A 192 -14.33 -6.51 -2.41
N GLY A 193 -13.83 -6.08 -3.57
CA GLY A 193 -12.63 -5.26 -3.64
C GLY A 193 -12.61 -3.98 -2.85
N ARG A 194 -13.60 -3.13 -3.07
CA ARG A 194 -13.60 -1.79 -2.47
C ARG A 194 -13.89 -1.82 -0.98
N SER A 195 -14.87 -2.62 -0.58
CA SER A 195 -15.23 -2.69 0.84
C SER A 195 -14.12 -3.33 1.67
N ALA A 196 -13.37 -4.25 1.07
CA ALA A 196 -12.23 -4.88 1.75
C ALA A 196 -11.06 -3.91 1.86
N ALA A 197 -10.87 -3.10 0.82
CA ALA A 197 -9.84 -2.08 0.84
C ALA A 197 -10.12 -1.07 1.95
N VAL A 198 -11.38 -0.67 2.08
CA VAL A 198 -11.81 0.27 3.11
C VAL A 198 -11.54 -0.29 4.51
N TRP A 199 -11.74 -1.59 4.68
CA TRP A 199 -11.44 -2.23 5.97
C TRP A 199 -9.97 -2.08 6.31
N SER A 200 -9.11 -2.41 5.35
CA SER A 200 -7.66 -2.32 5.54
C SER A 200 -7.25 -0.87 5.78
N LEU A 201 -7.95 0.06 5.15
CA LEU A 201 -7.71 1.48 5.38
C LEU A 201 -8.06 1.87 6.82
N GLY A 202 -9.10 1.24 7.36
CA GLY A 202 -9.47 1.42 8.75
C GLY A 202 -8.40 0.89 9.70
N ILE A 203 -7.87 -0.29 9.37
CA ILE A 203 -6.76 -0.86 10.14
C ILE A 203 -5.55 0.06 10.08
N LEU A 204 -5.26 0.58 8.89
CA LEU A 204 -4.12 1.46 8.68
C LEU A 204 -4.22 2.76 9.49
N LEU A 205 -5.39 3.37 9.48
CA LEU A 205 -5.61 4.62 10.18
C LEU A 205 -5.45 4.44 11.69
N TYR A 206 -5.97 3.33 12.21
CA TYR A 206 -5.84 3.01 13.64
C TYR A 206 -4.37 2.90 14.02
N ASP A 207 -3.60 2.19 13.19
CA ASP A 207 -2.19 1.99 13.45
C ASP A 207 -1.43 3.32 13.48
N MET A 208 -1.83 4.25 12.64
CA MET A 208 -1.20 5.57 12.61
C MET A 208 -1.40 6.33 13.92
N VAL A 209 -2.61 6.32 14.45
CA VAL A 209 -2.94 7.14 15.61
C VAL A 209 -2.80 6.40 16.94
N CYS A 210 -2.66 5.08 16.89
CA CYS A 210 -2.50 4.30 18.11
C CYS A 210 -1.12 3.66 18.22
N GLY A 211 -0.40 3.64 17.11
CA GLY A 211 0.95 3.10 17.11
C GLY A 211 1.00 1.59 17.01
N ASP A 212 -0.16 0.95 16.97
CA ASP A 212 -0.23 -0.50 16.82
C ASP A 212 -1.53 -0.92 16.15
N ILE A 213 -1.59 -2.20 15.79
CA ILE A 213 -2.73 -2.77 15.11
C ILE A 213 -3.86 -3.05 16.11
N PRO A 214 -5.13 -2.90 15.66
CA PRO A 214 -6.26 -3.07 16.59
C PRO A 214 -6.61 -4.53 16.87
N PHE A 215 -6.42 -5.41 15.90
CA PHE A 215 -6.80 -6.83 16.04
C PHE A 215 -5.61 -7.77 15.85
N GLU A 216 -5.48 -8.75 16.72
CA GLU A 216 -4.37 -9.69 16.62
C GLU A 216 -4.83 -11.08 16.18
N HIS A 217 -6.00 -11.50 16.66
CA HIS A 217 -6.51 -12.84 16.36
C HIS A 217 -7.79 -12.78 15.53
N ASP A 218 -8.13 -13.89 14.89
CA ASP A 218 -9.31 -13.98 14.04
C ASP A 218 -10.58 -13.63 14.80
N GLU A 219 -10.68 -14.09 16.04
CA GLU A 219 -11.84 -13.83 16.88
C GLU A 219 -12.05 -12.34 17.15
N GLU A 220 -10.96 -11.61 17.31
CA GLU A 220 -11.03 -10.17 17.51
C GLU A 220 -11.53 -9.47 16.25
N ILE A 221 -11.05 -9.92 15.10
CA ILE A 221 -11.48 -9.38 13.81
C ILE A 221 -12.97 -9.63 13.58
N ILE A 222 -13.41 -10.84 13.88
CA ILE A 222 -14.81 -11.22 13.71
C ILE A 222 -15.73 -10.46 14.65
N ARG A 223 -15.26 -10.20 15.86
CA ARG A 223 -16.04 -9.46 16.85
C ARG A 223 -16.15 -7.97 16.49
N GLY A 224 -15.06 -7.42 15.97
CA GLY A 224 -15.05 -6.07 15.46
C GLY A 224 -15.12 -4.97 16.50
N GLN A 225 -14.81 -5.33 17.75
CA GLN A 225 -14.79 -4.35 18.84
C GLN A 225 -13.50 -3.55 18.83
N VAL A 226 -13.61 -2.25 18.57
CA VAL A 226 -12.44 -1.40 18.52
C VAL A 226 -12.18 -0.74 19.87
N PHE A 227 -11.10 -1.13 20.52
CA PHE A 227 -10.63 -0.47 21.74
C PHE A 227 -9.45 0.43 21.40
N PHE A 228 -9.49 1.68 21.85
CA PHE A 228 -8.41 2.60 21.58
C PHE A 228 -7.42 2.65 22.75
N ARG A 229 -6.15 2.48 22.44
CA ARG A 229 -5.10 2.39 23.46
C ARG A 229 -4.37 3.71 23.60
N GLN A 230 -4.68 4.65 22.72
CA GLN A 230 -4.11 5.98 22.76
C GLN A 230 -5.21 7.04 22.72
N ARG A 231 -4.87 8.26 23.10
CA ARG A 231 -5.82 9.37 23.02
C ARG A 231 -6.10 9.69 21.55
N VAL A 232 -7.36 9.50 21.15
CA VAL A 232 -7.77 9.78 19.78
C VAL A 232 -9.08 10.57 19.79
N SER A 233 -9.15 11.61 18.97
CA SER A 233 -10.33 12.45 18.88
C SER A 233 -11.58 11.66 18.52
N SER A 234 -12.74 12.19 18.88
CA SER A 234 -14.01 11.52 18.62
C SER A 234 -14.29 11.38 17.12
N GLU A 235 -13.87 12.39 16.36
CA GLU A 235 -14.04 12.37 14.91
C GLU A 235 -13.27 11.20 14.31
N CYS A 236 -11.99 11.11 14.66
CA CYS A 236 -11.12 10.07 14.14
C CYS A 236 -11.57 8.68 14.58
N GLN A 237 -12.03 8.57 15.83
CA GLN A 237 -12.56 7.30 16.32
C GLN A 237 -13.77 6.86 15.51
N HIS A 238 -14.64 7.83 15.21
CA HIS A 238 -15.84 7.56 14.44
C HIS A 238 -15.50 7.07 13.02
N LEU A 239 -14.56 7.74 12.38
CA LEU A 239 -14.13 7.36 11.03
C LEU A 239 -13.54 5.96 11.01
N ILE A 240 -12.66 5.68 11.98
CA ILE A 240 -12.06 4.37 12.11
C ILE A 240 -13.11 3.28 12.31
N ARG A 241 -14.01 3.49 13.26
CA ARG A 241 -15.05 2.50 13.54
C ARG A 241 -15.98 2.31 12.36
N TRP A 242 -16.11 3.36 11.55
CA TRP A 242 -16.94 3.30 10.34
C TRP A 242 -16.28 2.41 9.28
N CYS A 243 -14.99 2.63 9.03
CA CYS A 243 -14.23 1.79 8.11
C CYS A 243 -14.18 0.32 8.54
N LEU A 244 -14.32 0.11 9.85
CA LEU A 244 -14.20 -1.24 10.41
C LEU A 244 -15.56 -1.83 10.76
N ALA A 245 -16.59 -1.41 10.04
CA ALA A 245 -17.91 -1.99 10.20
C ALA A 245 -17.88 -3.46 9.81
N LEU A 246 -18.49 -4.31 10.64
CA LEU A 246 -18.52 -5.74 10.37
C LEU A 246 -19.15 -6.07 9.01
N ARG A 247 -20.29 -5.45 8.71
CA ARG A 247 -20.88 -5.63 7.39
C ARG A 247 -20.27 -4.66 6.38
N PRO A 248 -19.73 -5.21 5.27
CA PRO A 248 -19.11 -4.45 4.19
C PRO A 248 -19.98 -3.29 3.69
N SER A 249 -21.29 -3.47 3.61
CA SER A 249 -22.16 -2.42 3.07
C SER A 249 -22.39 -1.30 4.10
N ASP A 250 -21.93 -1.52 5.32
CA ASP A 250 -22.00 -0.48 6.36
C ASP A 250 -20.74 0.39 6.36
N ARG A 251 -19.75 0.00 5.56
CA ARG A 251 -18.51 0.75 5.46
C ARG A 251 -18.65 1.93 4.49
N PRO A 252 -17.89 3.00 4.72
CA PRO A 252 -17.98 4.19 3.86
C PRO A 252 -17.32 3.99 2.51
N THR A 253 -17.80 4.72 1.51
CA THR A 253 -17.11 4.82 0.23
C THR A 253 -15.86 5.67 0.40
N PHE A 254 -15.02 5.71 -0.63
CA PHE A 254 -13.86 6.59 -0.62
C PHE A 254 -14.32 8.04 -0.45
N GLU A 255 -15.40 8.38 -1.15
CA GLU A 255 -15.98 9.72 -1.09
C GLU A 255 -16.45 10.08 0.31
N GLU A 256 -17.08 9.13 0.98
CA GLU A 256 -17.58 9.37 2.33
C GLU A 256 -16.45 9.52 3.34
N ILE A 257 -15.37 8.77 3.14
CA ILE A 257 -14.19 8.90 3.99
C ILE A 257 -13.56 10.28 3.84
N GLN A 258 -13.42 10.74 2.60
CA GLN A 258 -12.77 12.02 2.33
C GLN A 258 -13.67 13.21 2.64
N ASN A 259 -14.98 12.98 2.68
CA ASN A 259 -15.93 14.01 3.08
C ASN A 259 -16.16 14.04 4.59
N HIS A 260 -15.58 13.06 5.29
CA HIS A 260 -15.70 12.97 6.75
C HIS A 260 -15.08 14.19 7.43
N PRO A 261 -15.71 14.66 8.51
CA PRO A 261 -15.24 15.82 9.29
C PRO A 261 -13.78 15.75 9.73
N TRP A 262 -13.27 14.56 10.04
CA TRP A 262 -11.88 14.44 10.47
C TRP A 262 -10.92 14.62 9.30
N MET A 263 -11.45 14.46 8.09
CA MET A 263 -10.65 14.44 6.88
C MET A 263 -10.47 15.83 6.28
N GLN A 264 -10.95 16.86 6.98
CA GLN A 264 -10.97 18.21 6.43
C GLN A 264 -9.71 19.02 6.76
N ASP A 265 -9.43 20.00 5.90
CA ASP A 265 -8.29 20.90 6.05
C ASP A 265 -6.97 20.14 6.14
N VAL A 266 -6.76 19.22 5.20
CA VAL A 266 -5.54 18.44 5.17
C VAL A 266 -4.36 19.31 4.75
N LEU A 267 -3.18 19.03 5.29
CA LEU A 267 -1.97 19.74 4.89
C LEU A 267 -1.52 19.28 3.51
N LEU A 268 -0.80 20.16 2.81
CA LEU A 268 -0.11 19.77 1.59
C LEU A 268 1.08 18.90 1.99
N PRO A 269 1.51 18.01 1.08
CA PRO A 269 2.66 17.15 1.37
C PRO A 269 3.91 17.92 1.79
N GLN A 270 4.17 19.04 1.14
CA GLN A 270 5.36 19.84 1.45
C GLN A 270 5.23 20.51 2.82
N GLU A 271 4.03 21.00 3.13
CA GLU A 271 3.75 21.53 4.46
C GLU A 271 3.95 20.45 5.51
N THR A 272 3.50 19.24 5.20
CA THR A 272 3.64 18.10 6.10
C THR A 272 5.10 17.85 6.42
N ALA A 273 5.94 17.89 5.39
CA ALA A 273 7.37 17.62 5.55
C ALA A 273 8.04 18.69 6.41
N GLU A 274 7.74 19.95 6.13
CA GLU A 274 8.36 21.07 6.83
C GLU A 274 7.98 21.09 8.31
N ILE A 275 6.77 20.62 8.62
CA ILE A 275 6.26 20.62 9.98
C ILE A 275 6.65 19.37 10.75
N HIS A 276 6.41 18.20 10.15
CA HIS A 276 6.53 16.94 10.85
C HIS A 276 7.75 16.11 10.48
N LEU A 277 8.41 16.45 9.38
CA LEU A 277 9.46 15.59 8.84
C LEU A 277 10.86 16.22 8.88
N HIS A 278 10.92 17.53 8.73
CA HIS A 278 12.21 18.23 8.71
C HIS A 278 12.66 18.60 10.11
C1 L20 B . 12.77 0.70 -1.11
C2 L20 B . 11.98 0.79 -2.36
N3 L20 B . 12.06 1.74 -3.18
N4 L20 B . 11.21 1.53 -4.21
C6 L20 B . 10.54 0.37 -4.03
C7 L20 B . 9.60 -0.27 -4.76
C8 L20 B . 9.11 -1.43 -4.32
C9 L20 B . 9.55 -1.99 -3.13
C10 L20 B . 10.50 -1.34 -2.39
C11 L20 B . 11.00 -0.14 -2.84
C12 L20 B . 8.97 -3.26 -2.69
C13 L20 B . 8.60 -4.17 -3.63
N14 L20 B . 8.07 -5.28 -3.29
C15 L20 B . 7.85 -5.57 -2.05
C16 L20 B . 8.16 -4.72 -1.02
O17 L20 B . 7.91 -5.09 0.23
C18 L20 B . 7.63 -4.14 1.21
C19 L20 B . 7.24 -4.83 2.50
N21 L20 B . 6.05 -5.61 2.21
C25 L20 B . 8.36 -5.75 3.00
C26 L20 B . 9.58 -4.97 3.40
C27 L20 B . 9.88 -4.50 4.59
N28 L20 B . 11.04 -3.83 4.56
C30 L20 B . 11.55 -3.86 3.31
C31 L20 B . 12.69 -3.35 2.77
C32 L20 B . 12.92 -3.55 1.45
C33 L20 B . 12.04 -4.27 0.67
C34 L20 B . 10.91 -4.77 1.20
C35 L20 B . 10.65 -4.58 2.53
C36 L20 B . 8.74 -3.52 -1.35
P PO4 C . -13.98 14.78 23.64
O1 PO4 C . -12.82 14.57 24.57
O2 PO4 C . -13.61 14.31 22.25
O3 PO4 C . -14.31 16.25 23.59
O4 PO4 C . -15.17 14.01 24.15
P PO4 D . -5.81 18.43 14.54
O1 PO4 D . -4.69 17.73 15.28
O2 PO4 D . -5.33 18.89 13.20
O3 PO4 D . -6.26 19.63 15.35
O4 PO4 D . -6.97 17.49 14.37
#